data_3IRD
#
_entry.id   3IRD
#
_cell.length_a   92.810
_cell.length_b   92.810
_cell.length_c   60.350
_cell.angle_alpha   90.00
_cell.angle_beta   90.00
_cell.angle_gamma   90.00
#
_symmetry.space_group_name_H-M   'P 42 21 2'
#
loop_
_entity.id
_entity.type
_entity.pdbx_description
1 polymer 'Dihydrodipicolinate synthase'
2 non-polymer D-MALATE
3 non-polymer 'SODIUM ION'
4 non-polymer 'CHLORIDE ION'
5 non-polymer GLYCEROL
6 water water
#
_entity_poly.entity_id   1
_entity_poly.type   'polypeptide(L)'
_entity_poly.pdbx_seq_one_letter_code
;SIFKGSGVAIITPFTNTGVDFDKLSELIEWHIKSKTDAIIVCGTTGEATTMTETERKETIKFVIDKVNKRIPVIAGTGSN
NTAASIAMSKWAESIGVDGLLVITPYYNKTTQKGLVKHFKAVSDAVSTPIIIYNVPGRTGLNITPGTLKELCEDKNIVAV
KEASGNISQIAQIKALCGDKLDIYSGNDDQIIPILALGGIGVISVLANVIPEDVHNMCELYLNGKVNEALKIQLDSLALT
NALFIETNPIPVKTAMNLMNMKVGDLRLPLCEMNENNLEILKKELKAYNLM
;
_entity_poly.pdbx_strand_id   A
#
loop_
_chem_comp.id
_chem_comp.type
_chem_comp.name
_chem_comp.formula
CL non-polymer 'CHLORIDE ION' 'Cl -1'
GOL non-polymer GLYCEROL 'C3 H8 O3'
MLT non-polymer D-MALATE 'C4 H6 O5'
NA non-polymer 'SODIUM ION' 'Na 1'
#
# COMPACT_ATOMS: atom_id res chain seq x y z
N SER A 1 -0.82 16.01 -6.19
CA SER A 1 -0.85 14.65 -5.57
C SER A 1 -0.50 13.64 -6.60
N ILE A 2 0.22 12.60 -6.20
CA ILE A 2 0.43 11.45 -7.08
C ILE A 2 -0.91 10.83 -7.52
N PHE A 3 -1.83 10.70 -6.57
CA PHE A 3 -3.24 10.29 -6.79
C PHE A 3 -4.05 10.69 -5.55
N LYS A 4 -5.36 10.77 -5.68
CA LYS A 4 -6.27 10.81 -4.53
C LYS A 4 -7.20 9.60 -4.53
N GLY A 5 -7.66 9.25 -3.32
CA GLY A 5 -8.58 8.14 -3.11
C GLY A 5 -7.86 6.82 -2.84
N SER A 6 -8.32 5.77 -3.54
CA SER A 6 -7.95 4.35 -3.24
C SER A 6 -6.83 3.85 -4.14
N GLY A 7 -5.69 3.58 -3.52
CA GLY A 7 -4.59 3.02 -4.24
C GLY A 7 -4.46 1.60 -3.70
N VAL A 8 -4.67 0.63 -4.58
CA VAL A 8 -4.69 -0.75 -4.11
C VAL A 8 -3.23 -1.24 -3.95
N ALA A 9 -2.90 -1.84 -2.80
CA ALA A 9 -1.64 -2.57 -2.66
C ALA A 9 -1.93 -3.97 -3.21
N ILE A 10 -1.68 -4.13 -4.52
CA ILE A 10 -2.12 -5.31 -5.23
C ILE A 10 -1.28 -6.53 -4.78
N ILE A 11 -1.95 -7.64 -4.48
CA ILE A 11 -1.24 -8.92 -4.33
C ILE A 11 -0.40 -9.24 -5.63
N THR A 12 0.59 -10.12 -5.51
CA THR A 12 1.20 -10.68 -6.73
C THR A 12 0.74 -12.09 -6.80
N PRO A 13 0.02 -12.44 -7.89
CA PRO A 13 -0.43 -13.80 -8.08
C PRO A 13 0.73 -14.69 -8.55
N PHE A 14 1.02 -15.73 -7.76
CA PHE A 14 2.09 -16.68 -8.05
C PHE A 14 1.57 -17.96 -8.72
N THR A 15 2.26 -18.48 -9.72
CA THR A 15 2.08 -19.86 -10.14
C THR A 15 3.02 -20.65 -9.23
N ASN A 16 3.02 -21.99 -9.35
CA ASN A 16 3.92 -22.79 -8.54
C ASN A 16 5.42 -22.61 -8.82
N THR A 17 5.80 -21.90 -9.90
CA THR A 17 7.25 -21.66 -10.23
C THR A 17 7.70 -20.19 -10.34
N GLY A 18 6.75 -19.29 -10.58
CA GLY A 18 7.02 -17.82 -10.72
C GLY A 18 5.73 -16.99 -10.60
N VAL A 19 5.54 -16.05 -11.54
CA VAL A 19 4.45 -15.09 -11.44
C VAL A 19 3.32 -15.37 -12.44
N ASP A 20 2.06 -15.24 -12.01
CA ASP A 20 0.95 -15.46 -12.91
C ASP A 20 0.56 -14.18 -13.65
N PHE A 21 1.23 -13.92 -14.77
CA PHE A 21 1.10 -12.65 -15.48
C PHE A 21 -0.29 -12.46 -16.02
N ASP A 22 -0.89 -13.51 -16.54
CA ASP A 22 -2.25 -13.40 -17.05
C ASP A 22 -3.24 -13.03 -15.94
N LYS A 23 -3.11 -13.68 -14.78
CA LYS A 23 -3.98 -13.36 -13.67
C LYS A 23 -3.79 -11.87 -13.28
N LEU A 24 -2.53 -11.41 -13.23
CA LEU A 24 -2.24 -10.03 -12.87
C LEU A 24 -2.91 -9.06 -13.85
N SER A 25 -2.78 -9.34 -15.15
CA SER A 25 -3.46 -8.56 -16.19
C SER A 25 -5.00 -8.50 -15.91
N GLU A 26 -5.61 -9.64 -15.62
CA GLU A 26 -7.03 -9.64 -15.27
C GLU A 26 -7.32 -8.72 -14.07
N LEU A 27 -6.50 -8.80 -13.01
CA LEU A 27 -6.69 -7.97 -11.81
C LEU A 27 -6.57 -6.46 -12.10
N ILE A 28 -5.59 -6.11 -12.93
CA ILE A 28 -5.35 -4.73 -13.32
C ILE A 28 -6.59 -4.15 -14.05
N GLU A 29 -7.16 -4.90 -15.01
CA GLU A 29 -8.30 -4.45 -15.81
C GLU A 29 -9.51 -4.33 -14.89
N TRP A 30 -9.67 -5.25 -13.94
CA TRP A 30 -10.74 -5.24 -12.97
C TRP A 30 -10.68 -3.99 -12.09
N HIS A 31 -9.47 -3.71 -11.56
CA HIS A 31 -9.23 -2.47 -10.80
C HIS A 31 -9.56 -1.19 -11.57
N ILE A 32 -9.19 -1.12 -12.85
CA ILE A 32 -9.48 0.07 -13.64
C ILE A 32 -11.03 0.16 -13.84
N LYS A 33 -11.69 -0.93 -14.19
CA LYS A 33 -13.17 -0.95 -14.35
C LYS A 33 -13.88 -0.55 -13.05
N SER A 34 -13.39 -1.10 -11.93
CA SER A 34 -13.98 -0.92 -10.58
C SER A 34 -13.67 0.47 -10.00
N LYS A 35 -12.93 1.29 -10.74
CA LYS A 35 -12.68 2.69 -10.31
C LYS A 35 -11.64 2.85 -9.23
N THR A 36 -10.80 1.83 -9.03
CA THR A 36 -9.57 2.02 -8.25
C THR A 36 -8.76 3.22 -8.81
N ASP A 37 -8.27 4.09 -7.92
CA ASP A 37 -7.59 5.33 -8.32
C ASP A 37 -6.09 5.14 -8.70
N ALA A 38 -5.43 4.10 -8.19
CA ALA A 38 -4.02 3.89 -8.46
C ALA A 38 -3.64 2.48 -8.08
N ILE A 39 -2.60 1.97 -8.72
CA ILE A 39 -2.06 0.66 -8.35
C ILE A 39 -0.68 0.75 -7.64
N ILE A 40 -0.57 0.19 -6.42
CA ILE A 40 0.74 0.10 -5.79
C ILE A 40 1.21 -1.33 -6.06
N VAL A 41 2.31 -1.48 -6.80
CA VAL A 41 2.80 -2.80 -7.23
C VAL A 41 4.07 -3.20 -6.41
N CYS A 42 4.16 -4.47 -6.04
CA CYS A 42 5.26 -4.98 -5.20
C CYS A 42 5.46 -4.24 -3.91
N GLY A 43 4.37 -3.84 -3.24
CA GLY A 43 4.43 -3.45 -1.82
C GLY A 43 4.49 -4.72 -0.97
N THR A 44 4.32 -4.58 0.34
CA THR A 44 4.31 -5.73 1.25
C THR A 44 3.18 -6.72 0.93
N THR A 45 2.02 -6.15 0.54
CA THR A 45 0.87 -6.97 0.17
C THR A 45 1.22 -7.80 -1.07
N GLY A 46 2.12 -7.29 -1.90
CA GLY A 46 2.53 -8.01 -3.10
C GLY A 46 3.66 -9.00 -2.88
N GLU A 47 3.99 -9.26 -1.61
CA GLU A 47 5.05 -10.20 -1.25
C GLU A 47 6.41 -9.93 -1.97
N ALA A 48 6.79 -8.66 -2.13
CA ALA A 48 8.04 -8.36 -2.84
C ALA A 48 9.23 -9.07 -2.19
N THR A 49 9.18 -9.25 -0.86
CA THR A 49 10.27 -9.87 -0.10
C THR A 49 10.62 -11.29 -0.58
N THR A 50 9.62 -12.06 -1.03
CA THR A 50 9.89 -13.43 -1.45
C THR A 50 9.94 -13.58 -3.00
N MET A 51 9.98 -12.45 -3.71
CA MET A 51 10.22 -12.42 -5.14
C MET A 51 11.68 -12.16 -5.44
N THR A 52 12.23 -12.80 -6.45
CA THR A 52 13.59 -12.43 -6.88
C THR A 52 13.58 -11.03 -7.50
N GLU A 53 14.78 -10.50 -7.66
CA GLU A 53 14.93 -9.22 -8.29
C GLU A 53 14.29 -9.16 -9.68
N THR A 54 14.50 -10.22 -10.48
CA THR A 54 13.94 -10.34 -11.84
C THR A 54 12.43 -10.36 -11.82
N GLU A 55 11.86 -11.13 -10.90
CA GLU A 55 10.42 -11.13 -10.68
C GLU A 55 9.89 -9.78 -10.25
N ARG A 56 10.54 -9.12 -9.30
CA ARG A 56 10.13 -7.78 -8.89
C ARG A 56 10.15 -6.81 -10.08
N LYS A 57 11.25 -6.81 -10.85
CA LYS A 57 11.33 -5.97 -12.04
C LYS A 57 10.29 -6.33 -13.14
N GLU A 58 10.19 -7.62 -13.48
CA GLU A 58 9.20 -8.04 -14.47
C GLU A 58 7.78 -7.66 -14.07
N THR A 59 7.52 -7.70 -12.76
CA THR A 59 6.19 -7.54 -12.24
C THR A 59 5.81 -6.06 -12.31
N ILE A 60 6.72 -5.23 -11.84
CA ILE A 60 6.53 -3.79 -11.83
C ILE A 60 6.38 -3.22 -13.24
N LYS A 61 7.26 -3.61 -14.13
CA LYS A 61 7.17 -3.21 -15.55
C LYS A 61 5.91 -3.74 -16.22
N PHE A 62 5.54 -4.95 -15.91
CA PHE A 62 4.25 -5.43 -16.43
C PHE A 62 3.05 -4.55 -16.00
N VAL A 63 3.02 -4.13 -14.73
CA VAL A 63 1.87 -3.36 -14.25
C VAL A 63 1.89 -2.00 -14.94
N ILE A 64 3.09 -1.41 -15.00
CA ILE A 64 3.25 -0.13 -15.67
C ILE A 64 2.80 -0.19 -17.15
N ASP A 65 3.31 -1.17 -17.90
CA ASP A 65 2.97 -1.33 -19.35
C ASP A 65 1.57 -1.72 -19.63
N LYS A 66 0.97 -2.60 -18.80
CA LYS A 66 -0.48 -2.94 -18.94
C LYS A 66 -1.40 -1.75 -18.66
N VAL A 67 -1.20 -1.06 -17.53
CA VAL A 67 -2.00 0.13 -17.18
C VAL A 67 -1.88 1.20 -18.31
N ASN A 68 -0.71 1.32 -18.91
CA ASN A 68 -0.43 2.26 -20.00
C ASN A 68 -1.07 3.64 -19.80
N LYS A 69 -0.71 4.29 -18.69
CA LYS A 69 -1.04 5.70 -18.44
C LYS A 69 -2.48 5.93 -18.08
N ARG A 70 -3.30 4.88 -18.02
CA ARG A 70 -4.73 5.02 -17.59
C ARG A 70 -4.94 5.52 -16.15
N ILE A 71 -4.19 4.96 -15.19
CA ILE A 71 -4.19 5.48 -13.80
C ILE A 71 -2.74 5.43 -13.29
N PRO A 72 -2.44 6.14 -12.20
CA PRO A 72 -1.03 6.18 -11.68
C PRO A 72 -0.57 4.83 -11.16
N VAL A 73 0.68 4.49 -11.39
CA VAL A 73 1.27 3.27 -10.87
C VAL A 73 2.47 3.65 -10.00
N ILE A 74 2.49 3.09 -8.80
CA ILE A 74 3.49 3.35 -7.76
C ILE A 74 4.14 1.99 -7.49
N ALA A 75 5.47 1.94 -7.46
CA ALA A 75 6.18 0.72 -7.13
C ALA A 75 6.81 0.81 -5.73
N GLY A 76 6.80 -0.26 -4.96
CA GLY A 76 7.62 -0.31 -3.74
C GLY A 76 9.06 -0.52 -4.20
N THR A 77 9.95 0.37 -3.81
CA THR A 77 11.32 0.20 -4.24
C THR A 77 12.31 0.35 -3.09
N GLY A 78 11.83 0.55 -1.88
CA GLY A 78 12.74 0.71 -0.79
C GLY A 78 13.19 -0.59 -0.17
N SER A 79 14.33 -0.59 0.49
CA SER A 79 14.77 -1.71 1.30
C SER A 79 15.56 -1.17 2.49
N ASN A 80 16.13 -2.04 3.30
CA ASN A 80 16.83 -1.64 4.51
C ASN A 80 18.34 -1.38 4.25
N ASN A 81 18.74 -1.58 2.99
CA ASN A 81 20.05 -1.26 2.42
C ASN A 81 19.92 -0.02 1.49
N THR A 82 20.56 1.08 1.86
CA THR A 82 20.39 2.31 1.08
C THR A 82 20.87 2.18 -0.40
N ALA A 83 22.05 1.59 -0.64
CA ALA A 83 22.50 1.36 -2.03
C ALA A 83 21.43 0.62 -2.83
N ALA A 84 20.82 -0.41 -2.26
CA ALA A 84 19.84 -1.21 -3.01
C ALA A 84 18.55 -0.41 -3.27
N SER A 85 18.12 0.41 -2.31
CA SER A 85 16.96 1.29 -2.51
C SER A 85 17.21 2.30 -3.61
N ILE A 86 18.39 2.91 -3.60
CA ILE A 86 18.85 3.72 -4.76
C ILE A 86 18.73 2.98 -6.09
N ALA A 87 19.37 1.80 -6.24
CA ALA A 87 19.41 1.17 -7.57
C ALA A 87 18.00 0.83 -8.09
N MET A 88 17.14 0.33 -7.19
CA MET A 88 15.79 -0.11 -7.56
C MET A 88 14.88 1.08 -7.94
N SER A 89 14.97 2.15 -7.15
CA SER A 89 14.30 3.44 -7.42
C SER A 89 14.65 4.05 -8.78
N LYS A 90 15.95 4.19 -9.06
CA LYS A 90 16.36 4.65 -10.37
C LYS A 90 15.76 3.75 -11.46
N TRP A 91 15.79 2.43 -11.25
CA TRP A 91 15.33 1.50 -12.26
C TRP A 91 13.81 1.67 -12.53
N ALA A 92 12.96 1.70 -11.50
CA ALA A 92 11.53 1.88 -11.73
C ALA A 92 11.22 3.26 -12.37
N GLU A 93 12.00 4.28 -11.97
CA GLU A 93 11.92 5.57 -12.64
C GLU A 93 12.14 5.43 -14.14
N SER A 94 13.24 4.81 -14.49
CA SER A 94 13.67 4.64 -15.89
C SER A 94 12.65 3.94 -16.79
N ILE A 95 11.70 3.16 -16.25
CA ILE A 95 10.72 2.45 -17.06
C ILE A 95 9.30 3.05 -16.94
N GLY A 96 9.25 4.26 -16.36
CA GLY A 96 8.04 5.06 -16.35
C GLY A 96 7.07 4.87 -15.19
N VAL A 97 7.50 4.40 -14.01
CA VAL A 97 6.58 4.42 -12.84
C VAL A 97 6.20 5.88 -12.50
N ASP A 98 5.02 6.12 -11.90
CA ASP A 98 4.63 7.51 -11.61
C ASP A 98 4.97 7.94 -10.19
N GLY A 99 5.22 6.97 -9.31
CA GLY A 99 5.59 7.26 -7.93
C GLY A 99 6.46 6.16 -7.32
N LEU A 100 7.16 6.48 -6.24
CA LEU A 100 7.97 5.47 -5.54
C LEU A 100 7.46 5.27 -4.09
N LEU A 101 7.19 4.03 -3.68
CA LEU A 101 6.81 3.77 -2.31
C LEU A 101 8.05 3.24 -1.59
N VAL A 102 8.57 4.06 -0.66
CA VAL A 102 9.90 3.84 -0.10
C VAL A 102 9.78 3.67 1.43
N ILE A 103 9.88 2.44 1.88
CA ILE A 103 9.80 2.12 3.32
C ILE A 103 11.05 2.61 4.07
N THR A 104 10.89 2.96 5.35
CA THR A 104 12.00 3.21 6.27
C THR A 104 12.85 1.92 6.31
N PRO A 105 14.13 2.01 6.71
CA PRO A 105 14.87 0.79 6.98
C PRO A 105 14.15 -0.02 8.10
N TYR A 106 14.43 -1.31 8.16
CA TYR A 106 13.71 -2.19 9.10
C TYR A 106 14.74 -3.20 9.53
N TYR A 107 14.61 -3.71 10.75
CA TYR A 107 15.49 -4.79 11.25
C TYR A 107 16.89 -4.24 11.57
N ASN A 108 17.68 -3.85 10.54
CA ASN A 108 18.92 -3.08 10.84
C ASN A 108 18.59 -1.75 11.51
N LYS A 109 17.52 -1.10 11.03
CA LYS A 109 17.05 0.18 11.56
C LYS A 109 18.13 1.27 11.43
N THR A 110 17.94 2.40 12.12
CA THR A 110 18.91 3.50 12.21
C THR A 110 18.30 4.62 13.09
N THR A 111 18.97 5.77 13.23
CA THR A 111 18.48 6.87 14.06
C THR A 111 17.62 7.79 13.22
N GLN A 112 17.03 8.77 13.85
CA GLN A 112 16.34 9.79 13.07
C GLN A 112 17.31 10.51 12.12
N LYS A 113 18.54 10.75 12.60
CA LYS A 113 19.61 11.34 11.82
C LYS A 113 19.89 10.48 10.58
N GLY A 114 20.01 9.16 10.74
CA GLY A 114 20.19 8.26 9.57
C GLY A 114 19.00 8.18 8.58
N LEU A 115 17.78 8.27 9.10
CA LEU A 115 16.57 8.31 8.27
C LEU A 115 16.64 9.48 7.29
N VAL A 116 16.99 10.66 7.79
CA VAL A 116 17.19 11.82 6.92
C VAL A 116 18.25 11.50 5.85
N LYS A 117 19.43 11.01 6.24
CA LYS A 117 20.43 10.70 5.21
C LYS A 117 19.97 9.59 4.25
N HIS A 118 19.33 8.54 4.80
CA HIS A 118 18.75 7.48 3.99
C HIS A 118 17.84 8.00 2.87
N PHE A 119 16.83 8.76 3.26
CA PHE A 119 15.84 9.23 2.32
C PHE A 119 16.38 10.30 1.38
N LYS A 120 17.33 11.10 1.84
CA LYS A 120 17.97 12.11 0.99
C LYS A 120 18.83 11.40 -0.04
N ALA A 121 19.44 10.26 0.31
CA ALA A 121 20.33 9.64 -0.65
C ALA A 121 19.52 8.98 -1.78
N VAL A 122 18.38 8.37 -1.38
CA VAL A 122 17.42 7.82 -2.35
C VAL A 122 16.81 8.92 -3.24
N SER A 123 16.24 9.95 -2.63
CA SER A 123 15.65 11.05 -3.40
C SER A 123 16.63 11.74 -4.38
N ASP A 124 17.77 12.20 -3.87
CA ASP A 124 18.84 12.79 -4.72
C ASP A 124 19.11 12.02 -6.00
N ALA A 125 18.91 10.69 -5.95
CA ALA A 125 19.26 9.76 -7.07
C ALA A 125 18.24 9.78 -8.23
N VAL A 126 17.03 10.30 -7.92
CA VAL A 126 15.84 10.24 -8.83
C VAL A 126 15.14 11.61 -9.07
N SER A 127 14.14 11.59 -9.94
CA SER A 127 13.31 12.79 -10.18
C SER A 127 11.84 12.40 -10.27
N THR A 128 11.44 11.46 -9.39
CA THR A 128 10.12 10.84 -9.41
C THR A 128 9.49 11.08 -8.02
N PRO A 129 8.17 11.44 -7.95
CA PRO A 129 7.64 11.68 -6.61
C PRO A 129 7.85 10.45 -5.66
N ILE A 130 8.19 10.73 -4.41
CA ILE A 130 8.40 9.67 -3.43
C ILE A 130 7.36 9.70 -2.30
N ILE A 131 6.82 8.51 -1.95
CA ILE A 131 5.95 8.36 -0.76
C ILE A 131 6.70 7.58 0.30
N ILE A 132 6.99 8.25 1.41
CA ILE A 132 7.64 7.58 2.52
C ILE A 132 6.62 6.66 3.19
N TYR A 133 7.05 5.43 3.52
CA TYR A 133 6.15 4.45 4.09
C TYR A 133 6.65 4.13 5.51
N ASN A 134 5.80 4.45 6.49
CA ASN A 134 6.10 4.26 7.90
C ASN A 134 5.21 3.18 8.48
N VAL A 135 5.82 2.10 8.96
CA VAL A 135 5.09 0.93 9.47
C VAL A 135 5.87 0.28 10.62
N PRO A 136 5.93 0.99 11.78
CA PRO A 136 6.75 0.58 12.91
C PRO A 136 6.46 -0.83 13.43
N GLY A 137 5.21 -1.32 13.28
CA GLY A 137 4.84 -2.69 13.72
C GLY A 137 5.59 -3.77 12.90
N ARG A 138 6.07 -3.39 11.71
CA ARG A 138 6.79 -4.31 10.85
C ARG A 138 8.30 -4.07 10.89
N THR A 139 8.71 -2.80 10.94
CA THR A 139 10.11 -2.40 10.81
C THR A 139 10.85 -2.30 12.13
N GLY A 140 10.11 -2.23 13.25
CA GLY A 140 10.73 -1.87 14.55
C GLY A 140 11.09 -0.37 14.69
N LEU A 141 10.75 0.43 13.67
CA LEU A 141 11.31 1.79 13.58
C LEU A 141 10.20 2.73 13.21
N ASN A 142 10.12 3.86 13.94
CA ASN A 142 9.15 4.92 13.78
C ASN A 142 9.78 6.24 13.30
N ILE A 143 9.37 6.69 12.10
CA ILE A 143 9.87 7.96 11.64
C ILE A 143 8.96 8.98 12.25
N THR A 144 9.52 9.94 12.95
CA THR A 144 8.69 10.86 13.75
C THR A 144 8.14 11.98 12.91
N PRO A 145 7.14 12.70 13.43
CA PRO A 145 6.71 13.90 12.70
C PRO A 145 7.82 14.94 12.46
N GLY A 146 8.72 15.17 13.44
CA GLY A 146 9.85 16.10 13.23
C GLY A 146 10.78 15.67 12.09
N THR A 147 11.03 14.37 11.96
CA THR A 147 11.94 13.92 10.89
C THR A 147 11.21 14.12 9.58
N LEU A 148 9.90 13.87 9.57
CA LEU A 148 9.14 14.03 8.34
C LEU A 148 9.10 15.52 7.89
N LYS A 149 8.87 16.42 8.86
CA LYS A 149 8.96 17.87 8.69
C LYS A 149 10.27 18.28 7.99
N GLU A 150 11.39 17.77 8.49
CA GLU A 150 12.64 18.05 7.82
C GLU A 150 12.72 17.46 6.35
N LEU A 151 12.19 16.28 6.12
CA LEU A 151 12.28 15.64 4.82
C LEU A 151 11.31 16.26 3.79
N CYS A 152 10.17 16.79 4.27
CA CYS A 152 9.13 17.23 3.29
C CYS A 152 9.61 18.41 2.44
N GLU A 153 10.72 19.04 2.85
CA GLU A 153 11.35 20.10 2.05
C GLU A 153 12.01 19.51 0.78
N ASP A 154 12.44 18.25 0.84
CA ASP A 154 13.00 17.58 -0.33
C ASP A 154 12.07 17.68 -1.56
N LYS A 155 12.64 17.85 -2.76
CA LYS A 155 11.90 18.06 -4.00
C LYS A 155 10.97 16.90 -4.43
N ASN A 156 11.45 15.67 -4.30
CA ASN A 156 10.70 14.45 -4.64
C ASN A 156 9.80 13.91 -3.52
N ILE A 157 10.15 14.11 -2.27
CA ILE A 157 9.36 13.62 -1.15
C ILE A 157 8.07 14.43 -0.92
N VAL A 158 6.93 13.88 -1.32
CA VAL A 158 5.67 14.63 -1.29
C VAL A 158 4.55 14.06 -0.40
N ALA A 159 4.81 12.88 0.20
CA ALA A 159 3.76 12.10 0.85
C ALA A 159 4.28 11.06 1.82
N VAL A 160 3.40 10.60 2.68
CA VAL A 160 3.67 9.53 3.58
C VAL A 160 2.50 8.54 3.58
N LYS A 161 2.85 7.25 3.57
CA LYS A 161 1.89 6.22 3.86
C LYS A 161 2.08 5.85 5.35
N GLU A 162 1.07 6.18 6.12
CA GLU A 162 1.20 6.23 7.55
C GLU A 162 0.48 5.04 8.10
N ALA A 163 1.23 4.02 8.50
CA ALA A 163 0.63 2.83 9.12
C ALA A 163 1.10 2.65 10.53
N SER A 164 1.42 3.73 11.26
CA SER A 164 1.72 3.61 12.71
C SER A 164 0.50 3.16 13.47
N GLY A 165 -0.70 3.44 12.97
CA GLY A 165 -1.95 3.17 13.71
C GLY A 165 -2.10 4.12 14.90
N ASN A 166 -1.33 5.19 14.93
CA ASN A 166 -1.33 6.16 16.02
C ASN A 166 -1.91 7.49 15.53
N ILE A 167 -3.17 7.76 15.82
CA ILE A 167 -3.89 8.90 15.22
C ILE A 167 -3.34 10.22 15.76
N SER A 168 -2.69 10.20 16.93
CA SER A 168 -2.17 11.40 17.53
C SER A 168 -0.97 11.80 16.70
N GLN A 169 -0.18 10.80 16.34
CA GLN A 169 0.96 11.02 15.49
C GLN A 169 0.50 11.49 14.09
N ILE A 170 -0.60 10.98 13.53
CA ILE A 170 -1.14 11.53 12.25
C ILE A 170 -1.49 13.05 12.27
N ALA A 171 -2.23 13.47 13.28
CA ALA A 171 -2.51 14.88 13.55
C ALA A 171 -1.21 15.73 13.62
N GLN A 172 -0.23 15.24 14.39
CA GLN A 172 1.05 15.90 14.50
C GLN A 172 1.77 16.12 13.13
N ILE A 173 1.80 15.10 12.28
CA ILE A 173 2.39 15.25 10.95
C ILE A 173 1.67 16.36 10.18
N LYS A 174 0.36 16.34 10.20
CA LYS A 174 -0.42 17.31 9.41
C LYS A 174 -0.23 18.76 9.92
N ALA A 175 -0.35 18.94 11.23
CA ALA A 175 -0.15 20.25 11.89
C ALA A 175 1.27 20.78 11.60
N LEU A 176 2.24 19.89 11.54
CA LEU A 176 3.64 20.28 11.42
C LEU A 176 4.05 20.47 9.95
N CYS A 177 3.69 19.51 9.08
CA CYS A 177 4.12 19.50 7.68
C CYS A 177 3.18 20.30 6.74
N GLY A 178 1.95 20.50 7.19
CA GLY A 178 0.99 21.31 6.48
C GLY A 178 0.74 20.84 5.08
N ASP A 179 0.85 21.76 4.12
CA ASP A 179 0.55 21.44 2.71
C ASP A 179 1.79 20.95 1.93
N LYS A 180 2.86 20.57 2.66
CA LYS A 180 4.11 20.08 2.04
C LYS A 180 4.17 18.55 2.06
N LEU A 181 3.15 17.92 2.68
CA LEU A 181 3.14 16.47 2.73
C LEU A 181 1.76 15.84 2.69
N ASP A 182 1.47 15.10 1.62
CA ASP A 182 0.21 14.39 1.55
C ASP A 182 0.26 13.20 2.49
N ILE A 183 -0.88 12.95 3.18
CA ILE A 183 -0.95 11.77 4.00
C ILE A 183 -1.86 10.73 3.38
N TYR A 184 -1.32 9.51 3.20
CA TYR A 184 -2.17 8.37 2.86
C TYR A 184 -2.29 7.48 4.09
N SER A 185 -3.52 7.01 4.39
CA SER A 185 -3.68 6.03 5.46
C SER A 185 -3.04 4.69 5.00
N GLY A 186 -2.26 4.06 5.88
CA GLY A 186 -1.71 2.77 5.62
C GLY A 186 -2.54 1.65 6.27
N ASN A 187 -3.71 2.00 6.86
CA ASN A 187 -4.62 1.00 7.46
C ASN A 187 -6.04 1.27 7.01
N ASP A 188 -6.68 0.22 6.50
CA ASP A 188 -8.01 0.33 5.96
C ASP A 188 -9.01 0.63 7.04
N ASP A 189 -8.79 0.08 8.24
CA ASP A 189 -9.74 0.31 9.33
C ASP A 189 -9.63 1.76 9.87
N GLN A 190 -8.75 2.55 9.26
CA GLN A 190 -8.51 3.94 9.70
C GLN A 190 -8.66 4.96 8.59
N ILE A 191 -9.32 4.58 7.51
CA ILE A 191 -9.54 5.53 6.42
C ILE A 191 -10.27 6.82 6.91
N ILE A 192 -11.48 6.68 7.45
CA ILE A 192 -12.26 7.82 7.95
C ILE A 192 -11.46 8.79 8.82
N PRO A 193 -10.91 8.34 9.99
CA PRO A 193 -10.20 9.27 10.87
C PRO A 193 -8.97 9.97 10.23
N ILE A 194 -8.31 9.30 9.28
CA ILE A 194 -7.16 9.88 8.61
C ILE A 194 -7.56 10.89 7.54
N LEU A 195 -8.53 10.56 6.68
CA LEU A 195 -9.10 11.55 5.73
C LEU A 195 -9.66 12.71 6.53
N ALA A 196 -10.23 12.42 7.69
CA ALA A 196 -10.78 13.51 8.53
C ALA A 196 -9.73 14.53 9.00
N LEU A 197 -8.53 14.05 9.31
CA LEU A 197 -7.40 14.93 9.65
C LEU A 197 -6.67 15.55 8.45
N GLY A 198 -7.19 15.38 7.23
CA GLY A 198 -6.59 16.03 6.05
C GLY A 198 -5.87 15.07 5.09
N GLY A 199 -5.90 13.78 5.41
CA GLY A 199 -5.35 12.76 4.52
C GLY A 199 -6.10 12.82 3.21
N ILE A 200 -5.45 12.32 2.15
CA ILE A 200 -6.04 12.39 0.80
C ILE A 200 -6.33 11.04 0.16
N GLY A 201 -6.11 9.97 0.92
CA GLY A 201 -6.49 8.63 0.47
C GLY A 201 -5.89 7.52 1.29
N VAL A 202 -5.86 6.32 0.68
CA VAL A 202 -5.42 5.11 1.36
C VAL A 202 -4.68 4.23 0.37
N ILE A 203 -3.58 3.64 0.82
CA ILE A 203 -2.94 2.56 0.08
C ILE A 203 -3.39 1.27 0.79
N SER A 204 -4.18 0.48 0.07
CA SER A 204 -5.21 -0.36 0.65
C SER A 204 -5.02 -1.86 0.38
N VAL A 205 -5.20 -2.67 1.42
CA VAL A 205 -5.30 -4.11 1.27
C VAL A 205 -6.73 -4.52 0.91
N LEU A 206 -7.71 -3.89 1.57
CA LEU A 206 -9.12 -4.19 1.40
C LEU A 206 -9.60 -3.89 -0.03
N ALA A 207 -8.98 -2.94 -0.71
CA ALA A 207 -9.29 -2.71 -2.12
C ALA A 207 -9.02 -3.94 -2.98
N ASN A 208 -8.19 -4.87 -2.54
CA ASN A 208 -8.03 -6.12 -3.32
C ASN A 208 -9.35 -6.90 -3.57
N VAL A 209 -10.33 -6.72 -2.67
CA VAL A 209 -11.57 -7.54 -2.72
C VAL A 209 -12.82 -6.71 -2.93
N ILE A 210 -12.80 -5.47 -2.44
CA ILE A 210 -13.90 -4.57 -2.66
C ILE A 210 -13.37 -3.19 -3.11
N PRO A 211 -12.69 -3.14 -4.27
CA PRO A 211 -12.19 -1.83 -4.75
C PRO A 211 -13.26 -0.68 -4.81
N GLU A 212 -14.51 -1.00 -5.21
CA GLU A 212 -15.59 0.01 -5.22
C GLU A 212 -15.86 0.71 -3.86
N ASP A 213 -15.83 -0.08 -2.79
CA ASP A 213 -16.10 0.42 -1.45
C ASP A 213 -14.98 1.34 -1.00
N VAL A 214 -13.75 0.96 -1.33
CA VAL A 214 -12.61 1.72 -0.82
C VAL A 214 -12.54 3.03 -1.59
N HIS A 215 -12.76 2.96 -2.90
CA HIS A 215 -12.79 4.17 -3.71
C HIS A 215 -13.93 5.11 -3.31
N ASN A 216 -15.15 4.57 -3.16
CA ASN A 216 -16.28 5.44 -2.84
C ASN A 216 -16.19 6.04 -1.45
N MET A 217 -15.66 5.28 -0.49
CA MET A 217 -15.51 5.79 0.85
C MET A 217 -14.65 7.07 0.84
N CYS A 218 -13.49 7.00 0.17
CA CYS A 218 -12.62 8.19 -0.04
C CYS A 218 -13.29 9.31 -0.82
N GLU A 219 -13.81 9.02 -2.01
CA GLU A 219 -14.51 10.03 -2.82
C GLU A 219 -15.62 10.74 -2.04
N LEU A 220 -16.53 9.98 -1.46
CA LEU A 220 -17.55 10.53 -0.54
C LEU A 220 -16.99 11.41 0.57
N TYR A 221 -16.00 10.90 1.31
CA TYR A 221 -15.43 11.71 2.41
C TYR A 221 -14.84 13.05 1.91
N LEU A 222 -14.00 12.98 0.88
CA LEU A 222 -13.36 14.15 0.30
C LEU A 222 -14.36 15.11 -0.32
N ASN A 223 -15.52 14.62 -0.72
CA ASN A 223 -16.50 15.49 -1.28
C ASN A 223 -17.47 16.14 -0.27
N GLY A 224 -17.29 15.88 1.03
CA GLY A 224 -18.16 16.48 2.05
C GLY A 224 -19.29 15.55 2.48
N LYS A 225 -19.44 14.39 1.82
CA LYS A 225 -20.49 13.41 2.19
C LYS A 225 -19.98 12.44 3.26
N VAL A 226 -19.66 13.01 4.42
CA VAL A 226 -18.89 12.31 5.43
C VAL A 226 -19.69 11.17 6.05
N ASN A 227 -21.02 11.33 6.15
CA ASN A 227 -21.86 10.26 6.74
C ASN A 227 -22.00 9.05 5.82
N GLU A 228 -22.14 9.32 4.54
CA GLU A 228 -22.25 8.22 3.60
C GLU A 228 -20.92 7.42 3.63
N ALA A 229 -19.79 8.14 3.74
CA ALA A 229 -18.46 7.53 3.81
C ALA A 229 -18.30 6.73 5.11
N LEU A 230 -18.75 7.31 6.21
CA LEU A 230 -18.65 6.65 7.51
C LEU A 230 -19.36 5.28 7.48
N LYS A 231 -20.51 5.21 6.82
CA LYS A 231 -21.29 3.98 6.84
C LYS A 231 -20.56 2.83 6.13
N ILE A 232 -19.91 3.12 5.01
CA ILE A 232 -19.09 2.11 4.33
C ILE A 232 -17.98 1.59 5.26
N GLN A 233 -17.34 2.53 5.96
CA GLN A 233 -16.28 2.21 6.90
C GLN A 233 -16.82 1.28 7.99
N LEU A 234 -17.94 1.62 8.62
CA LEU A 234 -18.45 0.80 9.73
C LEU A 234 -18.97 -0.56 9.25
N ASP A 235 -19.69 -0.57 8.14
CA ASP A 235 -20.25 -1.83 7.62
C ASP A 235 -19.15 -2.87 7.25
N SER A 236 -18.00 -2.39 6.76
CA SER A 236 -16.88 -3.24 6.30
C SER A 236 -15.81 -3.50 7.36
N LEU A 237 -16.01 -2.95 8.57
CA LEU A 237 -14.99 -3.02 9.60
C LEU A 237 -14.70 -4.47 10.03
N ALA A 238 -15.73 -5.27 10.21
CA ALA A 238 -15.50 -6.62 10.67
C ALA A 238 -14.79 -7.42 9.61
N LEU A 239 -15.20 -7.29 8.34
CA LEU A 239 -14.39 -7.91 7.26
C LEU A 239 -12.93 -7.42 7.28
N THR A 240 -12.73 -6.10 7.38
CA THR A 240 -11.40 -5.50 7.37
C THR A 240 -10.45 -6.05 8.46
N ASN A 241 -10.96 -6.13 9.68
CA ASN A 241 -10.22 -6.72 10.79
C ASN A 241 -9.96 -8.21 10.54
N ALA A 242 -10.91 -8.92 9.94
CA ALA A 242 -10.68 -10.33 9.58
C ALA A 242 -9.49 -10.49 8.62
N LEU A 243 -9.30 -9.51 7.74
CA LEU A 243 -8.19 -9.49 6.81
C LEU A 243 -6.86 -9.25 7.52
N PHE A 244 -6.91 -8.88 8.80
CA PHE A 244 -5.68 -8.74 9.58
C PHE A 244 -5.54 -9.77 10.73
N ILE A 245 -6.40 -10.79 10.72
CA ILE A 245 -6.37 -11.83 11.74
C ILE A 245 -5.08 -12.63 11.76
N GLU A 246 -4.42 -12.74 10.60
CA GLU A 246 -3.04 -13.25 10.51
C GLU A 246 -2.24 -12.26 9.63
N THR A 247 -0.91 -12.31 9.72
CA THR A 247 -0.02 -11.49 8.87
C THR A 247 -0.51 -11.34 7.45
N ASN A 248 -0.85 -10.10 7.08
CA ASN A 248 -1.16 -9.73 5.70
C ASN A 248 0.08 -9.98 4.83
N PRO A 249 -0.10 -10.54 3.61
CA PRO A 249 -1.29 -10.85 2.85
C PRO A 249 -1.85 -12.27 2.98
N ILE A 250 -1.52 -13.00 4.05
CA ILE A 250 -2.12 -14.32 4.23
C ILE A 250 -3.66 -14.27 4.12
N PRO A 251 -4.34 -13.36 4.92
CA PRO A 251 -5.78 -13.46 4.82
C PRO A 251 -6.35 -12.93 3.49
N VAL A 252 -5.80 -11.86 2.91
CA VAL A 252 -6.41 -11.32 1.67
C VAL A 252 -6.22 -12.26 0.42
N LYS A 253 -5.10 -12.96 0.35
CA LYS A 253 -4.91 -13.94 -0.69
C LYS A 253 -5.84 -15.13 -0.45
N THR A 254 -5.99 -15.52 0.83
CA THR A 254 -6.91 -16.61 1.17
C THR A 254 -8.34 -16.25 0.73
N ALA A 255 -8.70 -15.00 0.95
CA ALA A 255 -10.05 -14.56 0.66
C ALA A 255 -10.31 -14.50 -0.84
N MET A 256 -9.37 -13.93 -1.58
CA MET A 256 -9.49 -13.88 -3.03
C MET A 256 -9.76 -15.27 -3.63
N ASN A 257 -9.07 -16.29 -3.10
CA ASN A 257 -9.25 -17.65 -3.57
C ASN A 257 -10.63 -18.22 -3.20
N LEU A 258 -11.10 -17.91 -1.98
CA LEU A 258 -12.47 -18.21 -1.60
C LEU A 258 -13.52 -17.51 -2.45
N MET A 259 -13.16 -16.38 -3.07
CA MET A 259 -14.06 -15.64 -3.98
C MET A 259 -13.82 -16.04 -5.43
N ASN A 260 -13.13 -17.18 -5.60
CA ASN A 260 -12.99 -17.85 -6.87
C ASN A 260 -12.08 -17.07 -7.84
N MET A 261 -11.17 -16.27 -7.31
CA MET A 261 -10.32 -15.45 -8.20
C MET A 261 -9.05 -16.18 -8.62
N LYS A 262 -8.71 -17.30 -7.96
CA LYS A 262 -7.59 -18.16 -8.43
C LYS A 262 -6.23 -17.46 -8.57
N VAL A 263 -5.78 -16.93 -7.43
CA VAL A 263 -4.57 -16.13 -7.33
C VAL A 263 -3.37 -16.90 -6.76
N GLY A 264 -3.54 -18.19 -6.53
CA GLY A 264 -2.39 -19.05 -6.16
C GLY A 264 -2.07 -19.04 -4.67
N ASP A 265 -0.92 -19.64 -4.34
CA ASP A 265 -0.43 -19.84 -2.97
C ASP A 265 0.56 -18.77 -2.55
N LEU A 266 0.68 -18.57 -1.23
CA LEU A 266 1.62 -17.66 -0.65
C LEU A 266 3.01 -18.33 -0.70
N ARG A 267 4.06 -17.50 -0.67
CA ARG A 267 5.42 -18.00 -0.57
C ARG A 267 5.94 -17.90 0.89
N LEU A 268 6.74 -18.90 1.27
CA LEU A 268 7.30 -18.99 2.58
C LEU A 268 8.18 -17.77 2.79
N PRO A 269 8.19 -17.22 4.01
CA PRO A 269 7.63 -17.80 5.25
C PRO A 269 6.15 -17.55 5.51
N LEU A 270 5.42 -16.91 4.57
CA LEU A 270 3.94 -16.84 4.70
C LEU A 270 3.42 -18.24 4.38
N CYS A 271 2.27 -18.61 4.94
CA CYS A 271 1.64 -19.93 4.73
C CYS A 271 0.13 -19.86 5.04
N GLU A 272 -0.55 -20.96 4.72
CA GLU A 272 -2.01 -21.12 4.92
C GLU A 272 -2.44 -20.78 6.35
N MET A 273 -3.65 -20.24 6.44
CA MET A 273 -4.23 -19.78 7.69
C MET A 273 -4.45 -20.96 8.60
N ASN A 274 -4.47 -20.75 9.92
CA ASN A 274 -5.02 -21.83 10.73
C ASN A 274 -6.56 -21.87 10.66
N GLU A 275 -7.12 -23.00 11.09
CA GLU A 275 -8.52 -23.34 10.88
C GLU A 275 -9.49 -22.38 11.59
N ASN A 276 -9.32 -22.13 12.88
CA ASN A 276 -10.24 -21.21 13.56
C ASN A 276 -10.29 -19.82 12.86
N ASN A 277 -9.11 -19.31 12.46
CA ASN A 277 -9.03 -17.97 11.85
C ASN A 277 -9.63 -18.02 10.45
N LEU A 278 -9.37 -19.11 9.71
CA LEU A 278 -10.03 -19.33 8.41
C LEU A 278 -11.57 -19.22 8.53
N GLU A 279 -12.16 -19.90 9.54
CA GLU A 279 -13.63 -19.83 9.77
C GLU A 279 -14.10 -18.39 10.09
N ILE A 280 -13.33 -17.66 10.88
CA ILE A 280 -13.73 -16.29 11.18
C ILE A 280 -13.70 -15.46 9.85
N LEU A 281 -12.67 -15.67 9.03
CA LEU A 281 -12.61 -14.98 7.74
C LEU A 281 -13.87 -15.25 6.85
N LYS A 282 -14.16 -16.54 6.64
CA LYS A 282 -15.29 -17.01 5.84
C LYS A 282 -16.62 -16.42 6.30
N LYS A 283 -16.87 -16.44 7.61
CA LYS A 283 -18.07 -15.85 8.20
C LYS A 283 -18.16 -14.38 7.75
N GLU A 284 -17.03 -13.66 7.79
CA GLU A 284 -17.09 -12.23 7.46
C GLU A 284 -17.21 -11.97 5.94
N LEU A 285 -16.56 -12.79 5.13
CA LEU A 285 -16.75 -12.81 3.70
C LEU A 285 -18.23 -13.09 3.34
N LYS A 286 -18.83 -14.12 3.95
CA LYS A 286 -20.26 -14.37 3.66
C LYS A 286 -21.13 -13.21 4.14
N ALA A 287 -20.97 -12.73 5.37
CA ALA A 287 -21.83 -11.62 5.83
C ALA A 287 -21.70 -10.36 4.92
N TYR A 288 -20.52 -10.10 4.36
CA TYR A 288 -20.34 -9.02 3.38
C TYR A 288 -20.65 -9.41 1.91
N ASN A 289 -21.36 -10.51 1.71
CA ASN A 289 -21.79 -10.87 0.36
C ASN A 289 -20.65 -11.14 -0.64
N LEU A 290 -19.52 -11.68 -0.14
CA LEU A 290 -18.34 -11.93 -0.98
C LEU A 290 -18.14 -13.41 -1.32
N MET A 291 -18.83 -14.29 -0.58
CA MET A 291 -18.92 -15.72 -0.94
C MET A 291 -20.21 -16.29 -0.38
C1 MLT B . 1.65 -3.18 2.65
C1 MLT B . 2.45 -1.86 0.92
O1 MLT B . 1.33 -3.62 1.49
O1 MLT B . 1.89 -1.05 0.15
O2 MLT B . 2.27 -2.08 2.73
O2 MLT B . 3.71 -1.87 1.05
C2 MLT B . 1.33 -3.95 3.93
C2 MLT B . 1.59 -2.83 1.69
O3 MLT B . 2.27 -3.72 4.99
O3 MLT B . 0.51 -3.18 0.88
C3 MLT B . -0.12 -3.70 4.40
C3 MLT B . 1.07 -2.15 2.97
C4 MLT B . -0.32 -4.20 5.83
C4 MLT B . 0.76 -3.02 4.18
O4 MLT B . -1.10 -3.61 6.60
O4 MLT B . -0.44 -3.11 4.59
O5 MLT B . 0.29 -5.20 6.26
O5 MLT B . 1.67 -3.61 4.82
NA NA C . 8.66 17.71 -0.76
CL CL D . -4.68 5.65 17.28
CL CL E . 11.85 -5.56 10.57
C1 GOL F . -4.71 -19.89 0.31
O1 GOL F . -5.71 -20.04 -0.68
C2 GOL F . -3.37 -20.32 -0.29
O2 GOL F . -3.50 -21.68 -0.66
C3 GOL F . -2.24 -20.13 0.73
O3 GOL F . -0.95 -20.48 0.22
C1 GOL G . -17.04 -13.22 -6.27
O1 GOL G . -17.09 -12.34 -5.14
C2 GOL G . -17.78 -14.52 -5.92
O2 GOL G . -17.52 -15.04 -4.62
C3 GOL G . -17.56 -15.59 -6.98
O3 GOL G . -18.50 -16.62 -6.74
#